data_1FI4
#
_entry.id   1FI4
#
_cell.length_a   78.796
_cell.length_b   126.402
_cell.length_c   47.242
_cell.angle_alpha   90.00
_cell.angle_beta   90.00
_cell.angle_gamma   90.00
#
_symmetry.space_group_name_H-M   'P 21 21 2'
#
loop_
_entity.id
_entity.type
_entity.pdbx_description
1 polymer 'MEVALONATE 5-DIPHOSPHATE DECARBOXYLASE'
2 water water
#
_entity_poly.entity_id   1
_entity_poly.type   'polypeptide(L)'
_entity_poly.pdbx_seq_one_letter_code
;MGSSHHHHHHSSGLVPRGSH(MSE)TVYTASVTAPVNIATLKYWGKRDTKLNLPTNSSISVTLSQDDLRTLTSAATAPEF
ERDTLWLNGEPHSIDNERTQNCLRDLRQLRKE(MSE)ESKDASLPTLSQWKLHIVSENNFPTAAGLASSAAGFAALVSAI
AKLYQLPQSTSEISRIARKGSGSACRSLFGGYVAWE(MSE)GKAEDGHDS(MSE)AVQIADSSDWPQ(MSE)KACVLVVS
DIKKDVSSTQG(MSE)QLTVATSELFKERIEHVVPKRFEV(MSE)RKAIVEKDFATFAKET(MSE)(MSE)DSNSFHATC
LDSFPPIFY(MSE)NDTSKRIISWCHTINQFYGETIVAYTFDAGPNAVLYYLAENESKLFAFIYKLFGSVPGWDKKFTTE
QLEAFNHQFESSNFTARELDLELQKDVARVILTQVGSGPQETNESLIDAKTGLPKE
;
_entity_poly.pdbx_strand_id   A
#
# COMPACT_ATOMS: atom_id res chain seq x y z
N VAL A 23 -31.00 -5.98 11.75
CA VAL A 23 -29.96 -5.85 10.68
C VAL A 23 -28.89 -4.85 11.12
N TYR A 24 -27.77 -5.39 11.58
CA TYR A 24 -26.65 -4.57 12.04
C TYR A 24 -25.68 -4.30 10.89
N THR A 25 -25.27 -3.04 10.73
CA THR A 25 -24.37 -2.69 9.64
C THR A 25 -23.23 -1.77 10.08
N ALA A 26 -22.16 -1.78 9.29
CA ALA A 26 -20.99 -0.94 9.55
C ALA A 26 -20.20 -0.76 8.24
N SER A 27 -19.78 0.47 7.97
CA SER A 27 -19.00 0.76 6.77
C SER A 27 -17.69 1.47 7.11
N VAL A 28 -16.65 1.20 6.32
CA VAL A 28 -15.33 1.81 6.52
C VAL A 28 -14.66 2.08 5.18
N THR A 29 -13.62 2.90 5.20
CA THR A 29 -12.83 3.20 4.02
C THR A 29 -11.43 2.90 4.51
N ALA A 30 -10.64 2.20 3.69
CA ALA A 30 -9.28 1.86 4.09
C ALA A 30 -8.37 2.34 2.98
N PRO A 31 -7.11 2.66 3.31
CA PRO A 31 -6.16 3.14 2.31
C PRO A 31 -5.16 2.08 1.88
N VAL A 32 -4.43 2.39 0.81
CA VAL A 32 -3.38 1.53 0.30
C VAL A 32 -2.12 2.14 0.90
N ASN A 33 -1.01 1.41 0.84
CA ASN A 33 0.26 1.89 1.38
C ASN A 33 1.33 1.41 0.40
N ILE A 34 2.40 2.16 0.25
CA ILE A 34 3.51 1.78 -0.61
C ILE A 34 4.70 1.54 0.33
N ALA A 35 5.32 0.37 0.22
CA ALA A 35 6.45 0.02 1.08
C ALA A 35 7.75 0.67 0.66
N THR A 36 8.52 1.16 1.63
CA THR A 36 9.80 1.80 1.37
C THR A 36 10.89 0.77 1.71
N LEU A 37 10.61 -0.05 2.72
CA LEU A 37 11.48 -1.16 3.12
C LEU A 37 10.58 -2.34 2.72
N LYS A 38 10.95 -3.00 1.64
CA LYS A 38 10.15 -4.07 1.06
C LYS A 38 9.90 -5.40 1.78
N TYR A 39 8.65 -5.86 1.65
CA TYR A 39 8.24 -7.14 2.17
C TYR A 39 8.32 -8.02 0.93
N TRP A 40 9.16 -9.03 0.98
CA TRP A 40 9.29 -9.93 -0.17
C TRP A 40 9.89 -11.22 0.33
N GLY A 41 9.04 -12.23 0.48
CA GLY A 41 9.50 -13.52 0.95
C GLY A 41 8.81 -13.88 2.26
N LYS A 42 8.30 -15.11 2.35
CA LYS A 42 7.65 -15.58 3.56
C LYS A 42 8.50 -16.70 4.17
N ARG A 43 8.59 -16.76 5.48
CA ARG A 43 9.33 -17.83 6.14
C ARG A 43 8.32 -18.91 6.54
N ASP A 44 7.03 -18.57 6.44
CA ASP A 44 5.94 -19.47 6.78
C ASP A 44 4.78 -19.05 5.89
N THR A 45 4.37 -19.93 4.98
CA THR A 45 3.28 -19.62 4.06
C THR A 45 1.90 -19.86 4.65
N LYS A 46 1.84 -20.56 5.77
CA LYS A 46 0.55 -20.86 6.41
C LYS A 46 0.07 -19.73 7.33
N LEU A 47 1.01 -19.13 8.06
CA LEU A 47 0.67 -18.05 8.96
C LEU A 47 1.02 -16.69 8.37
N ASN A 48 1.60 -16.69 7.17
CA ASN A 48 2.00 -15.46 6.51
C ASN A 48 3.05 -14.71 7.34
N LEU A 49 4.09 -15.43 7.77
CA LEU A 49 5.17 -14.85 8.55
C LEU A 49 6.24 -14.50 7.52
N PRO A 50 6.80 -13.29 7.59
CA PRO A 50 7.83 -12.83 6.65
C PRO A 50 9.29 -13.14 6.99
N THR A 51 10.14 -13.02 5.98
CA THR A 51 11.58 -13.25 6.16
C THR A 51 12.23 -12.00 6.73
N ASN A 52 11.53 -10.88 6.68
CA ASN A 52 12.09 -9.64 7.17
C ASN A 52 10.97 -8.65 7.48
N SER A 53 11.27 -7.60 8.24
CA SER A 53 10.25 -6.60 8.56
C SER A 53 10.12 -5.70 7.34
N SER A 54 9.06 -4.92 7.29
CA SER A 54 8.84 -3.98 6.19
C SER A 54 8.25 -2.71 6.76
N ILE A 55 8.48 -1.60 6.07
CA ILE A 55 7.98 -0.30 6.48
C ILE A 55 7.25 0.28 5.26
N SER A 56 6.12 0.95 5.48
CA SER A 56 5.36 1.53 4.39
C SER A 56 4.77 2.89 4.74
N VAL A 57 4.37 3.64 3.71
CA VAL A 57 3.76 4.93 3.91
C VAL A 57 2.33 4.79 3.39
N THR A 58 1.40 5.13 4.28
CA THR A 58 -0.03 5.07 4.00
C THR A 58 -0.43 6.27 3.18
N LEU A 59 -1.15 6.02 2.10
CA LEU A 59 -1.56 7.08 1.19
C LEU A 59 -2.96 7.59 1.50
N SER A 60 -3.16 8.89 1.32
CA SER A 60 -4.45 9.50 1.62
C SER A 60 -5.65 8.84 0.97
N GLN A 61 -6.72 8.69 1.76
CA GLN A 61 -7.95 8.09 1.28
C GLN A 61 -8.79 9.12 0.52
N ASP A 62 -8.30 10.36 0.47
CA ASP A 62 -9.01 11.40 -0.27
C ASP A 62 -8.72 11.24 -1.74
N ASP A 63 -7.70 10.43 -2.01
CA ASP A 63 -7.25 10.15 -3.36
C ASP A 63 -7.52 8.70 -3.73
N LEU A 64 -7.09 7.78 -2.88
CA LEU A 64 -7.28 6.37 -3.15
C LEU A 64 -7.90 5.70 -1.94
N ARG A 65 -8.91 4.86 -2.15
CA ARG A 65 -9.57 4.19 -1.04
C ARG A 65 -10.45 3.00 -1.45
N THR A 66 -10.72 2.15 -0.47
CA THR A 66 -11.60 1.00 -0.65
C THR A 66 -12.75 1.28 0.31
N LEU A 67 -13.99 1.07 -0.13
CA LEU A 67 -15.15 1.26 0.75
C LEU A 67 -15.80 -0.09 0.97
N THR A 68 -15.81 -0.57 2.21
CA THR A 68 -16.40 -1.86 2.53
C THR A 68 -17.49 -1.76 3.59
N SER A 69 -18.68 -2.24 3.25
CA SER A 69 -19.83 -2.24 4.15
C SER A 69 -20.08 -3.69 4.54
N ALA A 70 -20.23 -3.93 5.84
CA ALA A 70 -20.49 -5.27 6.33
C ALA A 70 -21.82 -5.23 7.06
N ALA A 71 -22.64 -6.25 6.83
CA ALA A 71 -23.95 -6.35 7.47
C ALA A 71 -24.20 -7.79 7.92
N THR A 72 -24.88 -7.93 9.04
CA THR A 72 -25.19 -9.24 9.57
C THR A 72 -26.52 -9.10 10.30
N ALA A 73 -27.38 -10.11 10.19
CA ALA A 73 -28.68 -10.03 10.83
C ALA A 73 -29.28 -11.40 11.11
N PRO A 74 -30.32 -11.43 11.96
CA PRO A 74 -31.00 -12.67 12.31
C PRO A 74 -31.27 -13.59 11.13
N GLU A 75 -30.40 -14.57 11.05
CA GLU A 75 -30.42 -15.63 10.07
C GLU A 75 -30.62 -15.46 8.56
N PHE A 76 -30.19 -14.36 7.93
CA PHE A 76 -30.27 -14.42 6.47
C PHE A 76 -29.01 -15.30 6.34
N GLU A 77 -28.87 -16.17 5.35
CA GLU A 77 -27.70 -17.06 5.44
C GLU A 77 -26.53 -17.17 4.45
N ARG A 78 -25.48 -17.78 4.97
CA ARG A 78 -24.20 -18.08 4.33
C ARG A 78 -23.42 -16.90 3.75
N ASP A 79 -22.32 -16.56 4.43
CA ASP A 79 -21.43 -15.47 4.06
C ASP A 79 -21.42 -15.21 2.55
N THR A 80 -21.73 -13.99 2.15
CA THR A 80 -21.80 -13.64 0.73
C THR A 80 -21.05 -12.35 0.38
N LEU A 81 -20.75 -12.17 -0.91
CA LEU A 81 -20.09 -10.96 -1.39
C LEU A 81 -21.13 -10.33 -2.30
N TRP A 82 -20.79 -9.27 -3.03
CA TRP A 82 -21.82 -8.65 -3.86
C TRP A 82 -21.42 -7.64 -4.95
N LEU A 83 -21.88 -7.97 -6.15
CA LEU A 83 -21.82 -7.15 -7.35
C LEU A 83 -23.24 -7.53 -7.72
N ASN A 84 -23.78 -8.30 -6.78
CA ASN A 84 -25.09 -8.89 -6.71
C ASN A 84 -25.03 -10.38 -7.01
N GLY A 85 -24.40 -11.12 -6.09
CA GLY A 85 -24.29 -12.55 -6.27
C GLY A 85 -23.42 -13.30 -5.25
N GLU A 86 -22.29 -13.78 -5.76
CA GLU A 86 -21.26 -14.60 -5.12
C GLU A 86 -20.99 -14.79 -3.63
N PRO A 87 -20.97 -16.06 -3.20
CA PRO A 87 -20.73 -16.71 -1.90
C PRO A 87 -19.29 -16.57 -1.41
N HIS A 88 -19.02 -17.06 -0.20
CA HIS A 88 -17.67 -16.94 0.37
C HIS A 88 -16.82 -18.15 0.64
N SER A 89 -15.95 -18.41 -0.32
CA SER A 89 -15.02 -19.54 -0.25
C SER A 89 -14.33 -19.68 -1.61
N ILE A 90 -13.08 -19.18 -1.64
CA ILE A 90 -12.20 -19.14 -2.81
C ILE A 90 -12.28 -17.80 -3.58
N ASP A 91 -13.13 -16.92 -3.04
CA ASP A 91 -13.33 -15.51 -3.45
C ASP A 91 -12.44 -15.05 -2.34
N ASN A 92 -11.59 -16.01 -2.03
CA ASN A 92 -10.63 -15.89 -0.95
C ASN A 92 -9.97 -17.27 -0.80
N GLU A 93 -10.69 -17.81 0.17
CA GLU A 93 -10.65 -19.02 0.93
C GLU A 93 -9.39 -19.36 1.68
N ARG A 94 -9.25 -18.61 2.74
CA ARG A 94 -8.17 -18.69 3.65
C ARG A 94 -8.80 -17.67 4.58
N THR A 95 -9.72 -16.87 4.04
CA THR A 95 -10.36 -15.88 4.89
C THR A 95 -11.44 -16.39 5.85
N GLN A 96 -12.25 -17.35 5.41
CA GLN A 96 -13.32 -17.91 6.26
C GLN A 96 -12.68 -18.21 7.62
N ASN A 97 -11.41 -18.60 7.56
CA ASN A 97 -10.69 -18.90 8.79
C ASN A 97 -10.45 -17.62 9.60
N CYS A 98 -10.16 -16.52 8.92
CA CYS A 98 -9.93 -15.24 9.59
C CYS A 98 -11.26 -14.71 10.12
N LEU A 99 -12.34 -14.92 9.36
CA LEU A 99 -13.65 -14.46 9.80
C LEU A 99 -13.98 -15.18 11.11
N ARG A 100 -13.80 -16.50 11.11
CA ARG A 100 -14.08 -17.28 12.32
C ARG A 100 -13.22 -16.78 13.47
N ASP A 101 -12.05 -16.22 13.14
CA ASP A 101 -11.17 -15.68 14.18
C ASP A 101 -11.85 -14.47 14.80
N LEU A 102 -12.39 -13.63 13.94
CA LEU A 102 -13.09 -12.42 14.36
C LEU A 102 -14.34 -12.82 15.14
N ARG A 103 -15.15 -13.69 14.56
CA ARG A 103 -16.36 -14.15 15.23
C ARG A 103 -16.04 -14.69 16.62
N GLN A 104 -14.94 -15.42 16.75
CA GLN A 104 -14.57 -15.96 18.05
C GLN A 104 -14.30 -14.84 19.04
N LEU A 105 -13.63 -13.77 18.61
CA LEU A 105 -13.34 -12.64 19.48
C LEU A 105 -14.64 -11.95 19.89
N ARG A 106 -15.60 -11.93 18.98
CA ARG A 106 -16.90 -11.33 19.22
C ARG A 106 -17.68 -12.20 20.20
N LYS A 107 -17.45 -13.52 20.12
CA LYS A 107 -18.11 -14.47 21.01
C LYS A 107 -17.59 -14.25 22.43
N GLU A 108 -16.28 -14.09 22.54
CA GLU A 108 -15.62 -13.86 23.82
C GLU A 108 -16.38 -12.74 24.51
N GLU A 110 -19.79 -11.26 23.87
CA GLU A 110 -21.16 -11.57 24.26
C GLU A 110 -21.26 -12.65 25.32
N SER A 111 -20.27 -13.54 25.36
CA SER A 111 -20.25 -14.60 26.37
C SER A 111 -19.92 -13.96 27.71
N LYS A 112 -19.92 -12.63 27.73
CA LYS A 112 -19.65 -11.84 28.94
C LYS A 112 -20.81 -10.85 29.11
N ASP A 113 -21.80 -10.97 28.24
CA ASP A 113 -22.98 -10.10 28.29
C ASP A 113 -24.12 -10.59 27.39
N ALA A 114 -25.18 -11.10 28.02
CA ALA A 114 -26.33 -11.59 27.28
C ALA A 114 -27.15 -10.43 26.71
N SER A 115 -26.77 -9.21 27.11
CA SER A 115 -27.43 -7.99 26.66
C SER A 115 -26.96 -7.63 25.25
N LEU A 116 -25.92 -8.34 24.81
CA LEU A 116 -25.35 -8.15 23.48
C LEU A 116 -25.90 -9.18 22.49
N PRO A 117 -26.22 -8.74 21.26
CA PRO A 117 -26.75 -9.61 20.20
C PRO A 117 -25.78 -10.74 19.84
N THR A 118 -26.30 -11.79 19.21
CA THR A 118 -25.50 -12.95 18.79
C THR A 118 -24.90 -12.74 17.40
N LEU A 119 -24.26 -11.60 17.21
CA LEU A 119 -23.65 -11.26 15.93
C LEU A 119 -22.73 -12.34 15.39
N SER A 120 -21.92 -12.91 16.27
CA SER A 120 -20.97 -13.93 15.88
C SER A 120 -21.58 -15.20 15.28
N GLN A 121 -22.87 -15.43 15.52
CA GLN A 121 -23.55 -16.61 15.00
C GLN A 121 -24.24 -16.37 13.66
N TRP A 122 -24.39 -15.11 13.29
CA TRP A 122 -25.06 -14.79 12.03
C TRP A 122 -24.07 -14.66 10.88
N LYS A 123 -24.51 -15.02 9.69
CA LYS A 123 -23.66 -14.93 8.51
C LYS A 123 -23.48 -13.49 8.07
N LEU A 124 -22.41 -13.21 7.33
CA LEU A 124 -22.09 -11.86 6.89
C LEU A 124 -22.45 -11.55 5.44
N HIS A 125 -22.79 -10.29 5.21
CA HIS A 125 -23.13 -9.76 3.89
C HIS A 125 -22.08 -8.67 3.67
N ILE A 126 -21.24 -8.84 2.65
CA ILE A 126 -20.19 -7.88 2.38
C ILE A 126 -20.26 -7.25 0.99
N VAL A 127 -20.12 -5.92 0.95
CA VAL A 127 -20.12 -5.20 -0.32
C VAL A 127 -18.92 -4.27 -0.30
N SER A 128 -18.03 -4.43 -1.28
CA SER A 128 -16.81 -3.63 -1.34
C SER A 128 -16.58 -3.03 -2.72
N GLU A 129 -15.83 -1.94 -2.76
CA GLU A 129 -15.49 -1.27 -4.01
C GLU A 129 -14.37 -0.28 -3.76
N ASN A 130 -13.62 0.05 -4.80
CA ASN A 130 -12.54 1.01 -4.65
C ASN A 130 -12.49 1.89 -5.88
N ASN A 131 -11.59 2.87 -5.86
CA ASN A 131 -11.42 3.81 -6.97
C ASN A 131 -9.99 3.78 -7.53
N PHE A 132 -9.26 2.71 -7.25
CA PHE A 132 -7.89 2.57 -7.71
C PHE A 132 -7.81 2.45 -9.23
N PRO A 133 -7.15 3.40 -9.91
CA PRO A 133 -7.03 3.36 -11.37
C PRO A 133 -6.49 2.00 -11.83
N THR A 134 -7.23 1.35 -12.72
CA THR A 134 -6.87 0.04 -13.26
C THR A 134 -5.37 -0.28 -13.39
N ALA A 135 -4.71 0.42 -14.30
CA ALA A 135 -3.29 0.23 -14.60
C ALA A 135 -2.30 0.33 -13.42
N ALA A 136 -2.58 1.24 -12.49
CA ALA A 136 -1.70 1.43 -11.34
C ALA A 136 -1.47 0.10 -10.63
N GLY A 137 -0.39 0.00 -9.86
CA GLY A 137 -0.12 -1.23 -9.12
C GLY A 137 -1.11 -1.28 -7.96
N LEU A 138 -0.72 -0.72 -6.83
CA LEU A 138 -1.57 -0.64 -5.64
C LEU A 138 -2.20 -1.97 -5.19
N ALA A 139 -1.57 -2.56 -4.16
CA ALA A 139 -2.02 -3.82 -3.55
C ALA A 139 -3.54 -3.78 -3.32
N SER A 140 -4.30 -4.10 -4.38
CA SER A 140 -5.75 -4.08 -4.34
C SER A 140 -6.31 -5.15 -3.42
N SER A 141 -5.56 -6.22 -3.25
CA SER A 141 -5.99 -7.32 -2.39
C SER A 141 -5.67 -7.00 -0.93
N ALA A 142 -4.48 -6.47 -0.68
CA ALA A 142 -4.07 -6.11 0.67
C ALA A 142 -5.06 -5.09 1.20
N ALA A 143 -5.32 -4.06 0.38
CA ALA A 143 -6.26 -3.00 0.72
C ALA A 143 -7.62 -3.61 1.02
N GLY A 144 -8.10 -4.42 0.09
CA GLY A 144 -9.40 -5.06 0.27
C GLY A 144 -9.53 -5.85 1.56
N PHE A 145 -8.48 -6.58 1.92
CA PHE A 145 -8.54 -7.37 3.15
C PHE A 145 -8.50 -6.53 4.41
N ALA A 146 -7.74 -5.43 4.37
CA ALA A 146 -7.66 -4.55 5.53
C ALA A 146 -9.04 -3.93 5.76
N ALA A 147 -9.65 -3.43 4.68
CA ALA A 147 -10.97 -2.82 4.77
C ALA A 147 -11.97 -3.83 5.33
N LEU A 148 -11.94 -5.05 4.80
CA LEU A 148 -12.85 -6.11 5.27
C LEU A 148 -12.63 -6.35 6.75
N VAL A 149 -11.38 -6.46 7.18
CA VAL A 149 -11.07 -6.70 8.59
C VAL A 149 -11.48 -5.53 9.47
N SER A 150 -11.46 -4.31 8.92
CA SER A 150 -11.86 -3.14 9.69
C SER A 150 -13.38 -3.07 9.80
N ALA A 151 -14.06 -3.28 8.69
CA ALA A 151 -15.52 -3.21 8.70
C ALA A 151 -16.06 -4.19 9.73
N ILE A 152 -15.49 -5.39 9.72
CA ILE A 152 -15.91 -6.44 10.65
C ILE A 152 -15.55 -6.14 12.10
N ALA A 153 -14.34 -5.63 12.33
CA ALA A 153 -13.91 -5.30 13.69
C ALA A 153 -14.83 -4.21 14.25
N LYS A 154 -15.35 -3.36 13.37
CA LYS A 154 -16.27 -2.29 13.77
C LYS A 154 -17.66 -2.88 14.04
N LEU A 155 -18.17 -3.65 13.08
CA LEU A 155 -19.48 -4.27 13.24
C LEU A 155 -19.56 -5.01 14.58
N TYR A 156 -18.52 -5.78 14.90
CA TYR A 156 -18.50 -6.53 16.15
C TYR A 156 -18.01 -5.67 17.32
N GLN A 157 -17.67 -4.41 17.04
CA GLN A 157 -17.17 -3.52 18.06
C GLN A 157 -16.15 -4.22 18.96
N LEU A 158 -15.20 -4.91 18.33
CA LEU A 158 -14.16 -5.64 19.05
C LEU A 158 -13.31 -4.70 19.90
N PRO A 159 -12.83 -5.19 21.06
CA PRO A 159 -12.00 -4.41 21.99
C PRO A 159 -10.50 -4.42 21.74
N GLN A 160 -9.97 -5.50 21.16
CA GLN A 160 -8.54 -5.58 20.94
C GLN A 160 -7.89 -4.47 20.14
N SER A 161 -6.63 -4.20 20.46
CA SER A 161 -5.85 -3.16 19.80
C SER A 161 -5.81 -3.36 18.30
N THR A 162 -5.46 -2.31 17.57
CA THR A 162 -5.38 -2.41 16.12
C THR A 162 -4.23 -3.35 15.77
N SER A 163 -3.17 -3.29 16.57
CA SER A 163 -2.02 -4.14 16.34
C SER A 163 -2.38 -5.62 16.49
N GLU A 164 -3.15 -5.97 17.51
CA GLU A 164 -3.55 -7.36 17.71
C GLU A 164 -4.45 -7.80 16.57
N ILE A 165 -5.32 -6.89 16.14
CA ILE A 165 -6.25 -7.18 15.05
C ILE A 165 -5.50 -7.33 13.74
N SER A 166 -4.41 -6.58 13.58
CA SER A 166 -3.61 -6.62 12.37
C SER A 166 -3.07 -8.02 12.08
N ARG A 167 -2.85 -8.81 13.14
CA ARG A 167 -2.33 -10.16 13.01
C ARG A 167 -3.29 -11.00 12.20
N ILE A 168 -4.59 -10.69 12.33
CA ILE A 168 -5.61 -11.41 11.59
C ILE A 168 -5.60 -10.93 10.14
N ALA A 169 -5.19 -9.68 9.93
CA ALA A 169 -5.12 -9.14 8.58
C ALA A 169 -3.89 -9.78 7.92
N ARG A 170 -2.88 -10.05 8.75
CA ARG A 170 -1.65 -10.66 8.27
C ARG A 170 -1.91 -12.08 7.76
N LYS A 171 -2.50 -12.92 8.61
CA LYS A 171 -2.81 -14.29 8.21
C LYS A 171 -3.75 -14.24 7.00
N GLY A 172 -4.63 -13.25 6.99
CA GLY A 172 -5.56 -13.12 5.88
C GLY A 172 -4.87 -12.83 4.56
N SER A 173 -4.00 -11.81 4.53
CA SER A 173 -3.28 -11.46 3.30
C SER A 173 -2.00 -10.66 3.53
N GLY A 174 -1.23 -11.06 4.54
CA GLY A 174 0.06 -10.45 4.80
C GLY A 174 0.22 -8.95 4.99
N SER A 175 0.72 -8.26 3.96
CA SER A 175 0.96 -6.81 4.04
C SER A 175 -0.29 -6.00 4.30
N ALA A 176 -1.45 -6.66 4.28
CA ALA A 176 -2.69 -5.96 4.56
C ALA A 176 -2.60 -5.44 6.00
N CYS A 177 -1.82 -6.11 6.83
CA CYS A 177 -1.67 -5.68 8.23
C CYS A 177 -1.18 -4.21 8.34
N ARG A 178 -0.35 -3.77 7.41
CA ARG A 178 0.17 -2.40 7.46
C ARG A 178 -0.87 -1.36 7.05
N SER A 179 -1.96 -1.81 6.46
CA SER A 179 -2.98 -0.86 6.05
C SER A 179 -3.99 -0.54 7.15
N LEU A 180 -3.71 -0.99 8.38
CA LEU A 180 -4.61 -0.72 9.48
C LEU A 180 -4.16 0.52 10.25
N PHE A 181 -3.04 1.07 9.83
CA PHE A 181 -2.52 2.27 10.46
C PHE A 181 -2.29 3.35 9.42
N GLY A 182 -2.31 4.60 9.87
CA GLY A 182 -2.06 5.71 8.99
C GLY A 182 -0.61 6.11 9.18
N GLY A 183 -0.15 7.08 8.41
CA GLY A 183 1.23 7.54 8.55
C GLY A 183 2.31 6.59 8.07
N TYR A 184 3.23 6.29 8.98
CA TYR A 184 4.37 5.42 8.71
C TYR A 184 4.19 4.18 9.56
N VAL A 185 4.04 3.05 8.87
CA VAL A 185 3.76 1.77 9.48
C VAL A 185 4.81 0.69 9.26
N ALA A 186 5.11 -0.03 10.33
CA ALA A 186 6.07 -1.12 10.28
C ALA A 186 5.32 -2.45 10.42
N TRP A 187 5.83 -3.47 9.74
CA TRP A 187 5.29 -4.82 9.88
C TRP A 187 6.49 -5.48 10.55
N GLU A 188 6.40 -5.71 11.86
CA GLU A 188 7.49 -6.35 12.58
C GLU A 188 7.41 -7.83 12.23
N GLY A 190 8.48 -10.58 13.70
CA GLY A 190 8.14 -11.52 14.75
C GLY A 190 9.19 -12.61 14.91
N LYS A 191 9.36 -13.12 16.12
CA LYS A 191 10.34 -14.17 16.39
C LYS A 191 9.68 -15.49 16.77
N ALA A 192 8.37 -15.47 16.96
CA ALA A 192 7.64 -16.67 17.34
C ALA A 192 7.08 -17.45 16.16
N GLU A 193 7.08 -18.78 16.30
CA GLU A 193 6.61 -19.70 15.27
C GLU A 193 5.09 -19.62 15.10
N ASP A 194 4.39 -19.18 16.15
CA ASP A 194 2.94 -19.06 16.07
C ASP A 194 2.58 -17.68 15.53
N GLY A 195 3.60 -16.81 15.46
CA GLY A 195 3.42 -15.48 14.92
C GLY A 195 2.57 -14.49 15.71
N HIS A 196 2.54 -14.61 17.04
CA HIS A 196 1.75 -13.69 17.83
C HIS A 196 2.47 -12.35 17.95
N ASP A 197 3.71 -12.30 17.48
CA ASP A 197 4.48 -11.06 17.54
C ASP A 197 4.84 -10.53 16.15
N SER A 198 4.24 -11.13 15.12
CA SER A 198 4.44 -10.70 13.73
C SER A 198 3.19 -9.88 13.46
N ALA A 200 1.56 -5.49 12.76
CA ALA A 200 1.80 -4.12 12.27
C ALA A 200 1.87 -3.17 13.45
N VAL A 201 2.81 -2.24 13.40
CA VAL A 201 2.99 -1.25 14.47
C VAL A 201 3.25 0.09 13.81
N GLN A 202 2.64 1.15 14.33
CA GLN A 202 2.83 2.47 13.75
C GLN A 202 4.13 3.15 14.22
N ILE A 203 4.96 3.55 13.27
CA ILE A 203 6.22 4.20 13.59
C ILE A 203 6.01 5.67 13.90
N ALA A 204 5.02 6.26 13.24
CA ALA A 204 4.69 7.67 13.43
C ALA A 204 3.39 7.89 12.64
N ASP A 205 2.46 8.69 13.17
CA ASP A 205 1.20 8.91 12.46
C ASP A 205 1.39 9.96 11.38
N SER A 206 0.39 10.16 10.53
CA SER A 206 0.54 11.15 9.47
C SER A 206 0.86 12.56 9.99
N SER A 207 0.37 12.90 11.18
CA SER A 207 0.61 14.23 11.77
C SER A 207 2.07 14.46 12.20
N ASP A 208 2.81 13.38 12.41
CA ASP A 208 4.22 13.44 12.81
C ASP A 208 5.12 13.72 11.62
N TRP A 209 4.51 13.80 10.44
CA TRP A 209 5.26 14.15 9.23
C TRP A 209 4.31 14.35 8.05
N PRO A 210 3.37 15.30 8.15
CA PRO A 210 2.35 15.62 7.15
C PRO A 210 2.85 15.94 5.76
N GLN A 211 4.01 16.57 5.64
CA GLN A 211 4.57 17.00 4.37
C GLN A 211 4.96 15.96 3.34
N LYS A 213 4.74 13.70 0.36
CA LYS A 213 3.85 13.57 -0.80
C LYS A 213 4.31 12.44 -1.73
N ALA A 214 3.43 11.94 -2.57
CA ALA A 214 3.80 10.86 -3.47
C ALA A 214 3.28 11.09 -4.87
N CYS A 215 4.05 10.67 -5.86
CA CYS A 215 3.67 10.80 -7.24
C CYS A 215 3.85 9.46 -7.94
N VAL A 216 2.75 8.80 -8.28
CA VAL A 216 2.83 7.52 -8.95
C VAL A 216 2.79 7.70 -10.47
N LEU A 217 3.79 7.14 -11.14
CA LEU A 217 3.88 7.20 -12.59
C LEU A 217 3.56 5.82 -13.15
N VAL A 218 2.34 5.66 -13.67
CA VAL A 218 1.91 4.38 -14.22
C VAL A 218 2.56 4.11 -15.57
N VAL A 219 3.49 3.16 -15.59
CA VAL A 219 4.21 2.80 -16.80
C VAL A 219 3.43 1.75 -17.55
N SER A 220 3.28 1.96 -18.85
CA SER A 220 2.55 1.03 -19.70
C SER A 220 3.23 -0.33 -19.63
N ASP A 221 2.69 -1.19 -18.76
CA ASP A 221 3.20 -2.54 -18.57
C ASP A 221 2.79 -3.30 -19.83
N ILE A 222 3.67 -3.33 -20.82
CA ILE A 222 3.38 -3.99 -22.08
C ILE A 222 3.72 -5.48 -22.10
N LYS A 223 3.88 -6.06 -20.92
CA LYS A 223 4.18 -7.48 -20.77
C LYS A 223 3.64 -7.93 -19.41
N LYS A 224 3.25 -9.19 -19.31
CA LYS A 224 2.72 -9.69 -18.04
C LYS A 224 3.86 -10.15 -17.11
N ASP A 225 3.86 -9.60 -15.90
CA ASP A 225 4.88 -9.92 -14.88
C ASP A 225 4.47 -11.05 -13.94
N VAL A 226 5.46 -11.63 -13.28
CA VAL A 226 5.24 -12.71 -12.31
C VAL A 226 4.48 -12.13 -11.12
N SER A 227 3.48 -12.86 -10.62
CA SER A 227 2.71 -12.38 -9.48
C SER A 227 3.61 -12.31 -8.25
N SER A 228 3.25 -11.47 -7.29
CA SER A 228 4.05 -11.33 -6.08
C SER A 228 4.16 -12.65 -5.33
N THR A 229 3.06 -13.38 -5.29
CA THR A 229 2.98 -14.67 -4.61
C THR A 229 4.05 -15.64 -5.10
N GLN A 230 3.96 -16.01 -6.37
CA GLN A 230 4.89 -16.94 -6.97
C GLN A 230 6.30 -16.34 -6.98
N GLY A 231 6.40 -15.08 -7.43
CA GLY A 231 7.68 -14.41 -7.48
C GLY A 231 8.51 -14.48 -6.21
N GLN A 233 8.27 -16.54 -3.63
CA GLN A 233 8.61 -17.90 -3.22
C GLN A 233 9.80 -18.38 -4.07
N LEU A 234 9.85 -17.93 -5.32
CA LEU A 234 10.94 -18.29 -6.22
C LEU A 234 12.23 -17.62 -5.77
N THR A 235 12.13 -16.41 -5.23
CA THR A 235 13.31 -15.70 -4.76
C THR A 235 13.84 -16.35 -3.48
N VAL A 236 12.93 -16.75 -2.60
CA VAL A 236 13.33 -17.38 -1.35
C VAL A 236 14.05 -18.68 -1.66
N ALA A 237 13.51 -19.42 -2.61
CA ALA A 237 14.06 -20.71 -2.99
C ALA A 237 15.27 -20.70 -3.89
N THR A 238 15.54 -19.61 -4.60
CA THR A 238 16.68 -19.62 -5.51
C THR A 238 17.73 -18.53 -5.47
N SER A 239 17.40 -17.37 -4.90
CA SER A 239 18.35 -16.26 -4.84
C SER A 239 19.37 -16.38 -3.69
N GLU A 240 20.65 -16.53 -4.02
CA GLU A 240 21.66 -16.65 -2.98
C GLU A 240 21.95 -15.31 -2.32
N LEU A 241 21.84 -14.22 -3.07
CA LEU A 241 22.09 -12.88 -2.53
C LEU A 241 20.95 -12.51 -1.57
N PHE A 242 19.79 -13.14 -1.77
CA PHE A 242 18.62 -12.89 -0.93
C PHE A 242 18.95 -13.19 0.52
N LYS A 243 19.86 -14.14 0.73
CA LYS A 243 20.23 -14.51 2.08
C LYS A 243 20.80 -13.28 2.80
N GLU A 244 21.72 -12.59 2.14
CA GLU A 244 22.34 -11.40 2.73
C GLU A 244 21.33 -10.27 2.96
N ARG A 245 20.29 -10.20 2.12
CA ARG A 245 19.25 -9.17 2.24
C ARG A 245 18.44 -9.31 3.53
N ILE A 246 17.97 -10.53 3.81
CA ILE A 246 17.17 -10.74 5.02
C ILE A 246 17.99 -10.82 6.30
N GLU A 247 19.21 -11.36 6.23
CA GLU A 247 20.02 -11.48 7.44
C GLU A 247 20.74 -10.20 7.86
N HIS A 248 21.31 -9.48 6.91
CA HIS A 248 22.05 -8.26 7.20
C HIS A 248 21.45 -6.93 6.72
N VAL A 249 21.06 -6.87 5.46
CA VAL A 249 20.51 -5.65 4.85
C VAL A 249 19.24 -5.06 5.45
N VAL A 250 18.16 -5.83 5.51
CA VAL A 250 16.91 -5.28 6.02
C VAL A 250 16.93 -4.93 7.50
N PRO A 251 17.37 -5.87 8.37
CA PRO A 251 17.40 -5.56 9.80
C PRO A 251 18.13 -4.24 10.06
N LYS A 252 19.19 -4.01 9.30
CA LYS A 252 19.97 -2.80 9.45
C LYS A 252 19.22 -1.57 8.87
N ARG A 253 18.59 -1.75 7.71
CA ARG A 253 17.86 -0.65 7.08
C ARG A 253 16.60 -0.30 7.87
N PHE A 254 16.01 -1.31 8.51
CA PHE A 254 14.80 -1.10 9.30
C PHE A 254 15.07 -0.04 10.40
N GLU A 255 16.20 -0.17 11.07
CA GLU A 255 16.55 0.76 12.14
C GLU A 255 16.84 2.14 11.60
N VAL A 256 17.64 2.19 10.55
CA VAL A 256 18.00 3.46 9.92
C VAL A 256 16.79 4.20 9.35
N ARG A 258 13.52 3.75 10.30
CA ARG A 258 12.61 4.09 11.39
C ARG A 258 13.18 5.37 12.02
N LYS A 259 14.48 5.38 12.25
CA LYS A 259 15.13 6.55 12.81
C LYS A 259 14.89 7.76 11.90
N ALA A 260 15.19 7.62 10.61
CA ALA A 260 15.00 8.72 9.66
C ALA A 260 13.61 9.33 9.79
N ILE A 261 12.62 8.44 9.96
CA ILE A 261 11.23 8.84 10.08
C ILE A 261 10.91 9.62 11.37
N VAL A 262 11.35 9.13 12.53
CA VAL A 262 11.07 9.84 13.78
C VAL A 262 11.79 11.18 13.77
N GLU A 263 12.88 11.25 13.01
CA GLU A 263 13.66 12.48 12.91
C GLU A 263 13.30 13.35 11.70
N LYS A 264 12.34 12.91 10.90
CA LYS A 264 11.97 13.68 9.69
C LYS A 264 13.21 13.99 8.87
N ASP A 265 14.07 13.00 8.69
CA ASP A 265 15.29 13.18 7.90
C ASP A 265 15.04 12.65 6.49
N PHE A 266 14.58 13.52 5.58
CA PHE A 266 14.29 13.07 4.22
C PHE A 266 15.47 12.50 3.45
N ALA A 267 16.63 13.14 3.56
CA ALA A 267 17.80 12.66 2.84
C ALA A 267 18.08 11.18 3.13
N THR A 268 18.04 10.80 4.41
CA THR A 268 18.29 9.41 4.79
C THR A 268 17.12 8.53 4.43
N PHE A 269 15.91 9.02 4.65
CA PHE A 269 14.70 8.27 4.33
C PHE A 269 14.69 7.96 2.82
N ALA A 270 15.08 8.96 2.04
CA ALA A 270 15.09 8.86 0.57
C ALA A 270 16.16 7.92 0.05
N LYS A 271 17.38 8.05 0.55
CA LYS A 271 18.47 7.19 0.13
C LYS A 271 18.16 5.73 0.48
N GLU A 272 17.68 5.51 1.70
CA GLU A 272 17.36 4.15 2.14
C GLU A 272 16.20 3.55 1.32
N THR A 273 15.25 4.40 0.93
CA THR A 273 14.10 3.98 0.13
C THR A 273 14.50 3.62 -1.30
N ASP A 276 16.68 0.36 -1.13
CA ASP A 276 15.95 -0.87 -0.85
C ASP A 276 15.05 -1.28 -1.99
N SER A 277 14.72 -0.33 -2.84
CA SER A 277 13.92 -0.64 -4.02
C SER A 277 14.85 -1.44 -4.92
N ASN A 278 16.06 -0.92 -5.13
CA ASN A 278 17.08 -1.59 -5.96
C ASN A 278 17.52 -2.95 -5.41
N SER A 279 17.54 -3.06 -4.08
CA SER A 279 17.96 -4.29 -3.43
C SER A 279 16.90 -5.35 -3.71
N PHE A 280 15.65 -4.98 -3.52
CA PHE A 280 14.56 -5.91 -3.77
C PHE A 280 14.62 -6.42 -5.22
N HIS A 281 14.72 -5.52 -6.18
CA HIS A 281 14.76 -5.94 -7.58
C HIS A 281 16.02 -6.71 -7.90
N ALA A 282 17.08 -6.41 -7.17
CA ALA A 282 18.34 -7.11 -7.37
C ALA A 282 18.13 -8.59 -7.01
N THR A 283 17.37 -8.85 -5.97
CA THR A 283 17.15 -10.23 -5.56
C THR A 283 16.20 -10.92 -6.53
N CYS A 284 15.39 -10.11 -7.20
CA CYS A 284 14.49 -10.63 -8.22
C CYS A 284 15.39 -11.09 -9.36
N LEU A 285 16.32 -10.22 -9.76
CA LEU A 285 17.22 -10.58 -10.86
C LEU A 285 18.05 -11.81 -10.52
N ASP A 286 18.37 -11.97 -9.24
CA ASP A 286 19.18 -13.09 -8.75
C ASP A 286 18.41 -14.40 -8.57
N SER A 287 17.11 -14.37 -8.81
CA SER A 287 16.29 -15.58 -8.71
C SER A 287 16.50 -16.39 -9.99
N PHE A 288 16.01 -17.63 -10.05
CA PHE A 288 16.23 -18.42 -11.27
C PHE A 288 15.05 -19.30 -11.62
N PRO A 289 14.41 -19.06 -12.77
CA PRO A 289 14.74 -18.03 -13.78
C PRO A 289 14.65 -16.60 -13.19
N PRO A 290 15.43 -15.65 -13.74
CA PRO A 290 15.44 -14.26 -13.27
C PRO A 290 14.06 -13.62 -13.35
N ILE A 291 13.75 -12.75 -12.39
CA ILE A 291 12.47 -12.08 -12.38
C ILE A 291 12.69 -10.61 -12.72
N PHE A 292 12.05 -10.14 -13.80
CA PHE A 292 12.17 -8.75 -14.22
C PHE A 292 10.83 -8.04 -13.99
N TYR A 293 10.87 -6.93 -13.27
CA TYR A 293 9.66 -6.14 -13.00
C TYR A 293 9.84 -4.76 -13.58
N ASN A 295 11.31 -1.99 -16.24
CA ASN A 295 11.66 -2.03 -17.64
C ASN A 295 12.50 -0.81 -17.95
N ASP A 296 12.84 -0.63 -19.21
CA ASP A 296 13.66 0.51 -19.63
C ASP A 296 13.07 1.86 -19.25
N THR A 297 11.74 1.93 -19.10
CA THR A 297 11.11 3.18 -18.73
C THR A 297 11.42 3.38 -17.24
N SER A 298 11.11 2.36 -16.45
CA SER A 298 11.42 2.38 -15.01
C SER A 298 12.85 2.90 -14.83
N LYS A 299 13.78 2.31 -15.57
CA LYS A 299 15.20 2.69 -15.49
C LYS A 299 15.54 4.11 -15.92
N ARG A 300 14.74 4.66 -16.83
CA ARG A 300 14.97 6.02 -17.27
C ARG A 300 14.42 6.97 -16.22
N ILE A 301 13.29 6.62 -15.60
CA ILE A 301 12.71 7.44 -14.54
C ILE A 301 13.74 7.51 -13.40
N ILE A 302 14.30 6.36 -13.01
CA ILE A 302 15.33 6.35 -11.97
C ILE A 302 16.49 7.28 -12.37
N SER A 303 16.91 7.20 -13.62
CA SER A 303 18.02 8.04 -14.10
C SER A 303 17.74 9.54 -13.88
N TRP A 304 16.53 9.98 -14.23
CA TRP A 304 16.13 11.38 -14.08
C TRP A 304 16.06 11.80 -12.61
N CYS A 305 15.62 10.88 -11.74
CA CYS A 305 15.57 11.20 -10.33
C CYS A 305 16.96 11.60 -9.85
N HIS A 306 17.94 10.78 -10.16
CA HIS A 306 19.31 11.08 -9.76
C HIS A 306 19.75 12.39 -10.41
N THR A 307 19.39 12.58 -11.68
CA THR A 307 19.72 13.82 -12.39
C THR A 307 19.11 15.02 -11.65
N ILE A 308 17.85 14.88 -11.24
CA ILE A 308 17.15 15.94 -10.51
C ILE A 308 17.76 16.26 -9.15
N ASN A 309 18.17 15.23 -8.40
CA ASN A 309 18.77 15.48 -7.08
C ASN A 309 20.15 16.11 -7.23
N GLN A 310 20.88 15.69 -8.26
CA GLN A 310 22.22 16.21 -8.54
C GLN A 310 22.11 17.69 -8.92
N PHE A 311 21.10 18.01 -9.71
CA PHE A 311 20.91 19.39 -10.13
C PHE A 311 20.70 20.32 -8.95
N TYR A 312 19.85 19.92 -8.00
CA TYR A 312 19.60 20.77 -6.84
C TYR A 312 20.64 20.68 -5.73
N GLY A 313 21.57 19.73 -5.83
CA GLY A 313 22.59 19.60 -4.79
C GLY A 313 22.12 18.94 -3.50
N GLU A 314 20.83 18.59 -3.46
CA GLU A 314 20.21 17.93 -2.30
C GLU A 314 19.18 16.90 -2.78
N THR A 315 18.87 15.95 -1.92
CA THR A 315 17.92 14.88 -2.23
C THR A 315 16.48 15.35 -2.08
N ILE A 316 15.85 15.71 -3.21
CA ILE A 316 14.47 16.17 -3.14
C ILE A 316 13.47 15.10 -3.56
N VAL A 317 13.92 14.05 -4.22
CA VAL A 317 13.01 12.99 -4.63
C VAL A 317 13.57 11.59 -4.38
N ALA A 318 12.67 10.64 -4.10
CA ALA A 318 13.05 9.26 -3.88
C ALA A 318 12.08 8.38 -4.68
N TYR A 319 12.62 7.44 -5.45
CA TYR A 319 11.79 6.52 -6.23
C TYR A 319 11.77 5.18 -5.54
N THR A 320 10.75 4.40 -5.83
CA THR A 320 10.66 3.06 -5.31
C THR A 320 9.76 2.35 -6.30
N PHE A 321 10.04 1.06 -6.53
CA PHE A 321 9.27 0.23 -7.46
C PHE A 321 8.78 -1.04 -6.78
N ASP A 322 7.53 -1.41 -7.03
CA ASP A 322 7.02 -2.63 -6.43
C ASP A 322 7.17 -3.71 -7.49
N ALA A 323 6.33 -4.73 -7.46
CA ALA A 323 6.40 -5.83 -8.43
C ALA A 323 5.79 -5.46 -9.78
N GLY A 324 6.41 -4.51 -10.45
CA GLY A 324 5.95 -4.05 -11.74
C GLY A 324 6.82 -2.87 -12.11
N PRO A 325 6.61 -2.26 -13.30
CA PRO A 325 7.41 -1.13 -13.76
C PRO A 325 7.01 0.26 -13.25
N ASN A 326 5.84 0.39 -12.61
CA ASN A 326 5.37 1.70 -12.11
C ASN A 326 6.33 2.32 -11.08
N ALA A 327 6.58 3.62 -11.22
CA ALA A 327 7.46 4.35 -10.30
C ALA A 327 6.71 5.18 -9.25
N VAL A 328 7.09 5.03 -7.98
CA VAL A 328 6.48 5.84 -6.94
C VAL A 328 7.56 6.83 -6.53
N LEU A 329 7.27 8.12 -6.63
CA LEU A 329 8.24 9.16 -6.28
C LEU A 329 7.81 9.88 -5.02
N TYR A 330 8.61 9.75 -3.96
CA TYR A 330 8.32 10.41 -2.69
C TYR A 330 9.10 11.72 -2.61
N TYR A 331 8.44 12.76 -2.13
CA TYR A 331 9.07 14.07 -2.02
C TYR A 331 8.35 14.88 -0.96
N LEU A 332 8.97 15.97 -0.54
CA LEU A 332 8.36 16.85 0.44
C LEU A 332 7.61 17.95 -0.30
N ALA A 333 6.49 18.37 0.28
CA ALA A 333 5.65 19.41 -0.29
C ALA A 333 6.43 20.68 -0.63
N GLU A 334 7.36 21.05 0.23
CA GLU A 334 8.16 22.25 0.02
C GLU A 334 8.99 22.17 -1.26
N ASN A 335 9.30 20.95 -1.72
CA ASN A 335 10.11 20.81 -2.92
C ASN A 335 9.26 20.40 -4.13
N GLU A 336 7.93 20.48 -4.01
CA GLU A 336 7.05 20.09 -5.11
C GLU A 336 7.32 20.82 -6.42
N SER A 337 7.46 22.15 -6.34
CA SER A 337 7.71 22.94 -7.54
C SER A 337 9.08 22.63 -8.13
N LYS A 338 10.06 22.37 -7.28
CA LYS A 338 11.40 22.04 -7.76
C LYS A 338 11.40 20.70 -8.47
N LEU A 339 10.55 19.79 -7.99
CA LEU A 339 10.47 18.46 -8.59
C LEU A 339 9.65 18.44 -9.85
N PHE A 340 8.45 19.01 -9.78
CA PHE A 340 7.55 19.03 -10.93
C PHE A 340 8.00 19.93 -12.07
N ALA A 341 9.04 20.73 -11.84
CA ALA A 341 9.54 21.56 -12.92
C ALA A 341 10.05 20.55 -13.94
N PHE A 342 10.62 19.46 -13.44
CA PHE A 342 11.12 18.39 -14.32
C PHE A 342 10.02 17.40 -14.68
N ILE A 343 9.39 16.84 -13.66
CA ILE A 343 8.35 15.85 -13.84
C ILE A 343 7.21 16.28 -14.73
N TYR A 344 6.73 17.52 -14.58
CA TYR A 344 5.63 17.94 -15.43
C TYR A 344 6.13 18.23 -16.85
N LYS A 345 7.39 18.66 -16.96
CA LYS A 345 7.96 18.94 -18.26
C LYS A 345 8.19 17.63 -19.00
N LEU A 346 8.42 16.56 -18.23
CA LEU A 346 8.66 15.26 -18.83
C LEU A 346 7.37 14.52 -19.15
N PHE A 347 6.33 14.73 -18.35
CA PHE A 347 5.05 14.06 -18.55
C PHE A 347 3.84 14.99 -18.56
N GLY A 348 4.00 16.17 -19.15
CA GLY A 348 2.91 17.14 -19.20
C GLY A 348 1.68 16.71 -19.98
N SER A 349 1.80 15.70 -20.83
CA SER A 349 0.66 15.24 -21.63
C SER A 349 -0.13 14.13 -20.97
N VAL A 350 0.51 13.40 -20.07
CA VAL A 350 -0.15 12.31 -19.36
C VAL A 350 -1.29 12.87 -18.50
N PRO A 351 -2.39 12.12 -18.37
CA PRO A 351 -3.51 12.60 -17.54
C PRO A 351 -3.22 12.40 -16.05
N GLY A 352 -3.97 13.13 -15.22
CA GLY A 352 -3.80 13.03 -13.79
C GLY A 352 -3.37 14.33 -13.12
N TRP A 353 -2.87 15.28 -13.91
CA TRP A 353 -2.42 16.57 -13.35
C TRP A 353 -3.52 17.59 -13.06
N ASP A 354 -4.51 17.69 -13.94
CA ASP A 354 -5.60 18.67 -13.79
C ASP A 354 -6.49 18.44 -12.58
N LYS A 355 -6.19 17.40 -11.82
CA LYS A 355 -6.96 17.09 -10.62
C LYS A 355 -6.50 17.98 -9.47
N LYS A 356 -5.18 18.00 -9.26
CA LYS A 356 -4.55 18.78 -8.19
C LYS A 356 -4.06 20.18 -8.60
N PHE A 357 -3.88 20.41 -9.90
CA PHE A 357 -3.38 21.70 -10.37
C PHE A 357 -4.21 22.39 -11.43
N THR A 358 -4.27 23.71 -11.36
CA THR A 358 -5.00 24.54 -12.32
C THR A 358 -4.06 24.80 -13.49
N THR A 359 -4.60 25.24 -14.62
CA THR A 359 -3.79 25.52 -15.80
C THR A 359 -2.61 26.43 -15.45
N GLU A 360 -2.86 27.46 -14.66
CA GLU A 360 -1.82 28.40 -14.26
C GLU A 360 -0.70 27.77 -13.45
N GLN A 361 -1.05 26.98 -12.44
CA GLN A 361 -0.05 26.31 -11.62
C GLN A 361 0.91 25.50 -12.50
N LEU A 362 0.33 24.71 -13.41
CA LEU A 362 1.10 23.88 -14.33
C LEU A 362 2.05 24.72 -15.19
N GLU A 363 1.61 25.90 -15.62
CA GLU A 363 2.45 26.78 -16.44
C GLU A 363 3.63 27.27 -15.60
N ALA A 364 3.36 27.48 -14.31
CA ALA A 364 4.39 27.93 -13.39
C ALA A 364 5.54 26.91 -13.41
N PHE A 365 5.18 25.62 -13.46
CA PHE A 365 6.16 24.54 -13.49
C PHE A 365 6.99 24.66 -14.77
N ASN A 366 6.32 24.71 -15.92
CA ASN A 366 7.01 24.87 -17.19
C ASN A 366 7.96 26.04 -17.12
N HIS A 367 7.48 27.18 -16.63
CA HIS A 367 8.33 28.36 -16.53
C HIS A 367 9.55 28.17 -15.65
N GLN A 368 9.39 27.49 -14.51
CA GLN A 368 10.53 27.28 -13.62
C GLN A 368 11.62 26.46 -14.31
N PHE A 369 11.21 25.50 -15.13
CA PHE A 369 12.18 24.68 -15.86
C PHE A 369 12.82 25.54 -16.95
N GLU A 370 11.98 26.18 -17.74
CA GLU A 370 12.42 27.02 -18.84
C GLU A 370 13.37 28.11 -18.34
N SER A 371 13.08 28.66 -17.17
CA SER A 371 13.90 29.72 -16.61
C SER A 371 15.01 29.20 -15.68
N SER A 372 15.32 27.91 -15.76
CA SER A 372 16.37 27.37 -14.90
C SER A 372 17.67 27.26 -15.70
N ASN A 373 18.78 27.05 -15.00
CA ASN A 373 20.06 26.93 -15.68
C ASN A 373 20.42 25.44 -15.78
N PHE A 374 19.43 24.63 -16.15
CA PHE A 374 19.64 23.19 -16.30
C PHE A 374 20.20 22.85 -17.68
N THR A 375 21.42 22.30 -17.70
CA THR A 375 22.10 21.97 -18.96
C THR A 375 22.67 20.55 -18.98
N ALA A 376 22.65 19.89 -17.82
CA ALA A 376 23.22 18.55 -17.68
C ALA A 376 22.75 17.52 -18.69
N ARG A 377 21.49 17.60 -19.08
CA ARG A 377 20.94 16.65 -20.04
C ARG A 377 19.79 17.26 -20.81
N GLU A 378 19.39 16.61 -21.90
CA GLU A 378 18.30 17.08 -22.73
C GLU A 378 17.02 16.36 -22.30
N LEU A 379 15.88 17.05 -22.33
CA LEU A 379 14.63 16.44 -21.94
C LEU A 379 14.31 15.30 -22.90
N ASP A 380 13.77 14.22 -22.36
CA ASP A 380 13.41 13.08 -23.17
C ASP A 380 11.91 13.17 -23.43
N LEU A 381 11.55 13.58 -24.64
CA LEU A 381 10.14 13.73 -25.01
C LEU A 381 9.49 12.40 -25.38
N GLU A 382 10.28 11.34 -25.42
CA GLU A 382 9.76 10.02 -25.76
C GLU A 382 9.26 9.28 -24.51
N LEU A 383 9.99 9.45 -23.42
CA LEU A 383 9.66 8.80 -22.14
C LEU A 383 8.17 8.82 -21.85
N GLN A 384 7.55 9.95 -22.16
CA GLN A 384 6.13 10.20 -21.95
C GLN A 384 5.15 9.22 -22.63
N LYS A 385 5.58 8.60 -23.72
CA LYS A 385 4.69 7.70 -24.43
C LYS A 385 4.48 6.36 -23.75
N ASP A 386 5.37 6.02 -22.81
CA ASP A 386 5.26 4.76 -22.10
C ASP A 386 4.68 4.95 -20.70
N VAL A 387 4.24 6.18 -20.41
CA VAL A 387 3.62 6.51 -19.14
C VAL A 387 2.16 6.84 -19.40
N ALA A 388 1.27 6.05 -18.80
CA ALA A 388 -0.15 6.21 -19.00
C ALA A 388 -0.87 7.15 -18.03
N ARG A 389 -0.41 7.22 -16.79
CA ARG A 389 -1.08 8.05 -15.80
C ARG A 389 -0.16 8.59 -14.72
N VAL A 390 -0.64 9.62 -14.04
CA VAL A 390 0.09 10.22 -12.95
C VAL A 390 -0.91 10.22 -11.80
N ILE A 391 -0.49 9.70 -10.65
CA ILE A 391 -1.38 9.69 -9.50
C ILE A 391 -0.70 10.47 -8.38
N LEU A 392 -1.26 11.63 -8.09
CA LEU A 392 -0.73 12.52 -7.07
C LEU A 392 -1.46 12.29 -5.76
N THR A 393 -0.71 12.14 -4.68
CA THR A 393 -1.34 11.93 -3.39
C THR A 393 -0.35 12.27 -2.29
N GLN A 394 -0.63 11.81 -1.07
CA GLN A 394 0.26 12.13 0.04
C GLN A 394 0.03 11.23 1.23
N VAL A 395 0.93 11.26 2.21
CA VAL A 395 0.76 10.41 3.38
C VAL A 395 -0.65 10.71 3.93
N GLY A 396 -1.32 9.69 4.47
CA GLY A 396 -2.65 9.89 5.01
C GLY A 396 -2.89 9.07 6.26
N SER A 397 -4.12 9.13 6.76
CA SER A 397 -4.51 8.41 7.97
C SER A 397 -4.90 6.96 7.69
N GLY A 398 -5.29 6.23 8.74
CA GLY A 398 -5.66 4.84 8.57
C GLY A 398 -7.14 4.61 8.32
N PRO A 399 -7.61 3.37 8.43
CA PRO A 399 -9.02 3.02 8.22
C PRO A 399 -9.94 4.03 8.90
N GLN A 400 -10.93 4.51 8.14
CA GLN A 400 -11.87 5.52 8.64
C GLN A 400 -13.33 5.05 8.59
N GLU A 401 -14.00 4.98 9.74
CA GLU A 401 -15.41 4.59 9.72
C GLU A 401 -16.15 5.76 9.07
N THR A 402 -17.18 5.45 8.31
CA THR A 402 -17.95 6.47 7.61
C THR A 402 -19.45 6.23 7.73
N ASN A 403 -20.24 7.24 7.36
CA ASN A 403 -21.69 7.13 7.41
C ASN A 403 -22.15 6.73 6.02
N GLU A 404 -21.21 6.75 5.07
CA GLU A 404 -21.50 6.34 3.70
C GLU A 404 -21.65 4.82 3.82
N SER A 405 -22.43 4.20 2.94
CA SER A 405 -22.64 2.75 3.00
C SER A 405 -23.16 2.18 1.68
N LEU A 406 -22.79 0.94 1.38
CA LEU A 406 -23.21 0.27 0.17
C LEU A 406 -24.32 -0.75 0.45
N ILE A 407 -24.75 -0.80 1.71
CA ILE A 407 -25.80 -1.71 2.11
C ILE A 407 -27.03 -0.95 2.62
N ASP A 408 -28.22 -1.47 2.33
CA ASP A 408 -29.47 -0.88 2.79
C ASP A 408 -29.60 -1.28 4.26
N ALA A 409 -29.51 -0.29 5.15
CA ALA A 409 -29.60 -0.56 6.58
C ALA A 409 -30.84 -1.36 6.95
N LYS A 410 -31.82 -1.38 6.04
CA LYS A 410 -33.06 -2.10 6.27
C LYS A 410 -32.99 -3.54 5.78
N THR A 411 -32.59 -3.73 4.53
CA THR A 411 -32.51 -5.06 3.93
C THR A 411 -31.12 -5.70 3.86
N GLY A 412 -30.22 -5.04 3.12
CA GLY A 412 -28.87 -5.55 2.92
C GLY A 412 -28.71 -5.63 1.40
N LEU A 413 -28.30 -4.52 0.78
CA LEU A 413 -28.13 -4.42 -0.66
C LEU A 413 -27.16 -5.44 -1.23
#